data_5YLH
#
_entry.id   5YLH
#
_cell.length_a   54.821
_cell.length_b   69.375
_cell.length_c   188.911
_cell.angle_alpha   90.00
_cell.angle_beta   90.00
_cell.angle_gamma   90.00
#
_symmetry.space_group_name_H-M   'P 21 21 21'
#
loop_
_entity.id
_entity.type
_entity.pdbx_description
1 polymer beta-1,4-mannanase
2 water water
#
_entity_poly.entity_id   1
_entity_poly.type   'polypeptide(L)'
_entity_poly.pdbx_seq_one_letter_code
;MEFIKGFTFGWDSQKGYFKTERAKESLRLMQERTASEYVIVALAALQDTAHSTEVDFQGSHMVDDDELIELIDYAKSLGL
KVILKPTVNCRNGTWRAHINFFDMDIPGEPTWDEWFESYINYQKHYAKIAEKTNCEMFVVGCEMVQAERREDKWRELIAE
VRKDYRGLVTYNTDKYQEDNVKFWDALDVISSSGYYPINDWDRQLDRIEAVVKQYDKPFFFVEAGCPSRSGSALLPNKWD
LEGAINLQEQADYYQVMFEKTASRSWVGGFGLWDWQTYLYDEKDATKNDDYGVFGKPAERVIKAYYQSR
;
_entity_poly.pdbx_strand_id   A,B
#
# COMPACT_ATOMS: atom_id res chain seq x y z
N MET A 1 36.58 4.06 -8.70
CA MET A 1 36.04 2.77 -8.26
C MET A 1 36.31 1.63 -9.25
N GLU A 2 36.78 0.50 -8.74
CA GLU A 2 37.02 -0.64 -9.60
C GLU A 2 35.71 -1.32 -9.97
N PHE A 3 35.71 -1.97 -11.13
CA PHE A 3 34.56 -2.76 -11.55
C PHE A 3 34.20 -3.75 -10.47
N ILE A 4 32.92 -3.77 -10.09
CA ILE A 4 32.49 -4.62 -8.98
C ILE A 4 31.97 -5.93 -9.56
N LYS A 5 32.78 -6.98 -9.44
CA LYS A 5 32.37 -8.33 -9.79
C LYS A 5 31.72 -8.92 -8.54
N GLY A 6 30.44 -8.62 -8.38
CA GLY A 6 29.77 -8.96 -7.13
C GLY A 6 28.69 -10.03 -7.24
N PHE A 7 28.39 -10.66 -6.11
CA PHE A 7 27.30 -11.62 -6.04
C PHE A 7 26.58 -11.45 -4.71
N THR A 8 25.25 -11.52 -4.74
CA THR A 8 24.46 -11.39 -3.52
C THR A 8 24.41 -12.71 -2.79
N PHE A 9 24.50 -12.63 -1.46
CA PHE A 9 24.56 -13.78 -0.57
C PHE A 9 23.65 -13.54 0.62
N GLY A 10 23.09 -14.64 1.14
CA GLY A 10 22.43 -14.60 2.43
C GLY A 10 20.97 -14.21 2.42
N TRP A 11 20.35 -14.04 1.25
CA TRP A 11 18.97 -13.57 1.22
C TRP A 11 18.02 -14.53 1.91
N ASP A 12 18.32 -15.83 1.87
CA ASP A 12 17.52 -16.86 2.52
C ASP A 12 17.85 -17.03 3.99
N SER A 13 18.79 -16.26 4.54
CA SER A 13 19.28 -16.55 5.87
C SER A 13 18.24 -16.20 6.92
N GLN A 14 18.15 -17.03 7.96
CA GLN A 14 17.40 -16.74 9.18
C GLN A 14 18.35 -16.84 10.36
N LYS A 15 17.86 -16.50 11.56
CA LYS A 15 18.73 -16.53 12.74
C LYS A 15 19.41 -17.89 12.85
N GLY A 16 20.72 -17.88 13.02
CA GLY A 16 21.50 -19.09 13.15
C GLY A 16 22.16 -19.56 11.88
N TYR A 17 21.67 -19.13 10.71
CA TYR A 17 22.22 -19.63 9.46
C TYR A 17 23.71 -19.37 9.35
N PHE A 18 24.16 -18.22 9.84
CA PHE A 18 25.55 -17.82 9.62
C PHE A 18 26.52 -18.44 10.63
N LYS A 19 26.03 -19.14 11.64
CA LYS A 19 26.91 -19.92 12.48
C LYS A 19 27.33 -21.23 11.81
N THR A 20 26.64 -21.65 10.75
CA THR A 20 26.76 -23.01 10.26
C THR A 20 27.91 -23.17 9.26
N GLU A 21 28.44 -24.39 9.23
CA GLU A 21 29.51 -24.72 8.29
C GLU A 21 29.05 -24.62 6.84
N ARG A 22 27.83 -25.09 6.55
CA ARG A 22 27.34 -25.06 5.18
C ARG A 22 27.17 -23.63 4.66
N ALA A 23 26.85 -22.69 5.55
CA ALA A 23 26.88 -21.29 5.16
C ALA A 23 28.26 -20.89 4.67
N LYS A 24 29.31 -21.28 5.41
CA LYS A 24 30.66 -20.97 4.96
C LYS A 24 30.98 -21.70 3.67
N GLU A 25 30.42 -22.89 3.49
CA GLU A 25 30.72 -23.66 2.30
C GLU A 25 30.04 -23.07 1.07
N SER A 26 28.79 -22.64 1.24
CA SER A 26 28.09 -22.00 0.13
C SER A 26 28.84 -20.76 -0.33
N LEU A 27 29.43 -20.03 0.62
CA LEU A 27 30.16 -18.80 0.27
C LEU A 27 31.41 -19.11 -0.54
N ARG A 28 32.18 -20.13 -0.15
CA ARG A 28 33.38 -20.45 -0.93
C ARG A 28 33.03 -20.94 -2.33
N LEU A 29 32.01 -21.79 -2.43
CA LEU A 29 31.57 -22.21 -3.75
C LEU A 29 31.22 -21.01 -4.61
N MET A 30 30.53 -20.05 -4.00
CA MET A 30 30.13 -18.89 -4.77
C MET A 30 31.35 -18.16 -5.29
N GLN A 31 32.40 -18.02 -4.46
CA GLN A 31 33.60 -17.35 -4.94
C GLN A 31 34.34 -18.17 -5.99
N GLU A 32 34.46 -19.49 -5.77
CA GLU A 32 35.22 -20.33 -6.70
C GLU A 32 34.49 -20.49 -8.04
N ARG A 33 33.17 -20.73 -8.01
CA ARG A 33 32.45 -20.99 -9.25
C ARG A 33 32.13 -19.72 -10.04
N THR A 34 32.23 -18.54 -9.41
CA THR A 34 31.83 -17.28 -10.02
C THR A 34 32.99 -16.33 -10.28
N ALA A 35 34.04 -16.40 -9.46
CA ALA A 35 35.13 -15.43 -9.46
C ALA A 35 34.66 -14.05 -9.03
N SER A 36 33.50 -13.99 -8.36
CA SER A 36 33.14 -12.81 -7.60
C SER A 36 34.30 -12.34 -6.74
N GLU A 37 34.48 -11.02 -6.68
CA GLU A 37 35.41 -10.40 -5.73
C GLU A 37 34.68 -9.59 -4.65
N TYR A 38 33.39 -9.31 -4.82
CA TYR A 38 32.56 -8.69 -3.81
C TYR A 38 31.39 -9.61 -3.46
N VAL A 39 31.01 -9.65 -2.19
CA VAL A 39 29.76 -10.28 -1.77
C VAL A 39 28.83 -9.20 -1.23
N ILE A 40 27.59 -9.20 -1.72
CA ILE A 40 26.55 -8.32 -1.20
C ILE A 40 25.73 -9.16 -0.23
N VAL A 41 25.79 -8.80 1.05
CA VAL A 41 25.09 -9.53 2.10
C VAL A 41 23.72 -8.88 2.27
N ALA A 42 22.69 -9.46 1.67
CA ALA A 42 21.34 -8.90 1.69
C ALA A 42 20.53 -9.52 2.82
N LEU A 43 19.98 -8.68 3.68
CA LEU A 43 19.18 -9.14 4.81
C LEU A 43 17.86 -8.39 4.82
N ALA A 44 16.85 -9.01 5.44
CA ALA A 44 15.50 -8.47 5.42
C ALA A 44 14.94 -8.37 6.83
N ALA A 45 14.81 -7.14 7.33
CA ALA A 45 14.02 -6.92 8.53
C ALA A 45 12.58 -7.21 8.21
N LEU A 46 11.69 -7.14 9.21
CA LEU A 46 10.27 -7.40 8.96
C LEU A 46 9.41 -6.31 9.58
N GLN A 47 8.41 -5.88 8.83
CA GLN A 47 7.29 -5.11 9.34
C GLN A 47 6.02 -5.78 8.87
N ASP A 48 4.92 -5.44 9.54
CA ASP A 48 3.72 -6.26 9.39
C ASP A 48 3.13 -6.12 8.00
N THR A 49 2.89 -4.88 7.57
CA THR A 49 2.27 -4.57 6.30
C THR A 49 3.02 -3.41 5.66
N ALA A 50 2.66 -3.10 4.42
CA ALA A 50 3.21 -1.93 3.74
C ALA A 50 2.97 -0.62 4.48
N HIS A 51 2.04 -0.55 5.43
CA HIS A 51 1.76 0.70 6.12
C HIS A 51 1.91 0.58 7.64
N SER A 52 2.70 -0.37 8.09
CA SER A 52 3.06 -0.50 9.50
C SER A 52 4.28 0.37 9.80
N THR A 53 4.62 0.46 11.07
CA THR A 53 5.61 1.42 11.54
C THR A 53 6.80 0.80 12.28
N GLU A 54 6.62 -0.38 12.89
CA GLU A 54 7.69 -1.07 13.60
C GLU A 54 8.45 -1.98 12.64
N VAL A 55 9.74 -1.72 12.45
CA VAL A 55 10.61 -2.51 11.60
C VAL A 55 11.41 -3.44 12.50
N ASP A 56 11.25 -4.73 12.32
CA ASP A 56 11.77 -5.72 13.27
C ASP A 56 13.00 -6.38 12.67
N PHE A 57 14.15 -6.21 13.34
CA PHE A 57 15.39 -6.89 12.96
C PHE A 57 15.90 -7.83 14.05
N GLN A 58 15.09 -8.13 15.06
CA GLN A 58 15.57 -8.96 16.14
C GLN A 58 14.98 -10.36 16.15
N GLY A 59 13.92 -10.61 15.37
CA GLY A 59 13.26 -11.89 15.38
C GLY A 59 14.03 -13.03 14.69
N SER A 60 13.40 -14.20 14.73
CA SER A 60 13.99 -15.39 14.14
C SER A 60 14.29 -15.23 12.65
N HIS A 61 13.61 -14.34 11.96
CA HIS A 61 13.92 -14.08 10.56
C HIS A 61 15.31 -13.50 10.35
N MET A 62 15.91 -12.90 11.38
CA MET A 62 17.13 -12.11 11.22
C MET A 62 18.32 -12.78 11.89
N VAL A 63 19.45 -12.81 11.20
CA VAL A 63 20.67 -13.32 11.83
C VAL A 63 21.02 -12.44 13.04
N ASP A 64 21.78 -13.00 13.97
CA ASP A 64 22.25 -12.27 15.13
C ASP A 64 23.53 -11.52 14.79
N ASP A 65 23.82 -10.48 15.56
CA ASP A 65 24.97 -9.63 15.24
C ASP A 65 26.27 -10.44 15.20
N ASP A 66 26.48 -11.37 16.14
CA ASP A 66 27.76 -12.06 16.16
C ASP A 66 27.92 -12.94 14.94
N GLU A 67 26.89 -13.74 14.62
CA GLU A 67 27.01 -14.58 13.42
C GLU A 67 27.09 -13.74 12.16
N LEU A 68 26.58 -12.49 12.17
CA LEU A 68 26.80 -11.64 11.01
C LEU A 68 28.27 -11.19 10.94
N ILE A 69 28.84 -10.80 12.08
CA ILE A 69 30.23 -10.39 12.09
C ILE A 69 31.15 -11.56 11.74
N GLU A 70 30.85 -12.77 12.24
CA GLU A 70 31.59 -13.95 11.80
C GLU A 70 31.55 -14.09 10.28
N LEU A 71 30.35 -13.97 9.70
CA LEU A 71 30.20 -14.24 8.28
C LEU A 71 30.94 -13.21 7.45
N ILE A 72 30.83 -11.94 7.82
CA ILE A 72 31.54 -10.86 7.12
C ILE A 72 33.04 -11.05 7.27
N ASP A 73 33.50 -11.29 8.50
CA ASP A 73 34.90 -11.60 8.76
C ASP A 73 35.37 -12.75 7.86
N TYR A 74 34.57 -13.81 7.76
CA TYR A 74 34.91 -14.93 6.89
C TYR A 74 35.04 -14.49 5.44
N ALA A 75 34.05 -13.74 4.95
CA ALA A 75 34.12 -13.25 3.58
C ALA A 75 35.41 -12.48 3.34
N LYS A 76 35.76 -11.59 4.27
CA LYS A 76 37.02 -10.87 4.10
C LYS A 76 38.21 -11.81 4.17
N SER A 77 38.12 -12.86 4.99
CA SER A 77 39.20 -13.84 5.06
C SER A 77 39.40 -14.52 3.71
N LEU A 78 38.31 -14.87 3.03
CA LEU A 78 38.40 -15.46 1.70
C LEU A 78 38.95 -14.48 0.66
N GLY A 79 39.22 -13.25 1.07
CA GLY A 79 39.64 -12.21 0.16
C GLY A 79 38.51 -11.41 -0.45
N LEU A 80 37.29 -11.56 0.05
CA LEU A 80 36.14 -10.87 -0.53
C LEU A 80 36.01 -9.47 0.05
N LYS A 81 35.58 -8.53 -0.79
CA LYS A 81 35.06 -7.28 -0.30
C LYS A 81 33.58 -7.46 -0.02
N VAL A 82 33.06 -6.70 0.95
CA VAL A 82 31.72 -6.94 1.47
C VAL A 82 30.89 -5.67 1.36
N ILE A 83 29.72 -5.81 0.74
CA ILE A 83 28.70 -4.76 0.70
C ILE A 83 27.53 -5.21 1.56
N LEU A 84 27.17 -4.39 2.54
CA LEU A 84 26.15 -4.74 3.52
C LEU A 84 24.83 -4.06 3.15
N LYS A 85 23.79 -4.88 2.97
CA LYS A 85 22.53 -4.42 2.38
C LYS A 85 21.35 -4.79 3.26
N PRO A 86 21.05 -4.00 4.27
CA PRO A 86 19.90 -4.32 5.13
C PRO A 86 18.64 -3.67 4.61
N THR A 87 17.63 -4.48 4.26
CA THR A 87 16.38 -3.98 3.71
C THR A 87 15.23 -4.51 4.58
N VAL A 88 13.99 -4.34 4.09
CA VAL A 88 12.79 -4.67 4.86
C VAL A 88 11.79 -5.37 3.96
N ASN A 89 11.17 -6.43 4.47
CA ASN A 89 10.06 -7.08 3.79
C ASN A 89 8.83 -6.93 4.66
N CYS A 90 7.67 -7.23 4.08
CA CYS A 90 6.42 -7.16 4.81
C CYS A 90 5.94 -8.57 5.12
N ARG A 91 5.52 -8.78 6.37
CA ARG A 91 5.03 -10.11 6.75
C ARG A 91 3.83 -10.54 5.90
N ASN A 92 3.05 -9.59 5.38
CA ASN A 92 1.89 -9.96 4.59
C ASN A 92 2.18 -10.11 3.11
N GLY A 93 3.44 -10.21 2.70
CA GLY A 93 3.78 -10.47 1.32
C GLY A 93 4.02 -9.24 0.44
N THR A 94 3.56 -8.06 0.85
CA THR A 94 3.62 -6.90 -0.06
C THR A 94 5.06 -6.51 -0.37
N TRP A 95 5.37 -6.37 -1.66
CA TRP A 95 6.68 -5.88 -2.09
C TRP A 95 6.94 -4.52 -1.45
N ARG A 96 8.15 -4.33 -0.90
CA ARG A 96 8.45 -3.13 -0.13
C ARG A 96 8.44 -1.86 -0.96
N ALA A 97 8.44 -1.98 -2.29
CA ALA A 97 8.25 -0.82 -3.12
C ALA A 97 6.95 -0.11 -2.82
N HIS A 98 6.04 -0.72 -2.06
CA HIS A 98 4.75 -0.12 -1.77
C HIS A 98 4.69 0.52 -0.39
N ILE A 99 5.71 0.38 0.45
CA ILE A 99 5.70 1.04 1.74
C ILE A 99 5.45 2.51 1.50
N ASN A 100 4.53 3.08 2.26
CA ASN A 100 3.95 4.36 1.87
C ASN A 100 2.95 4.79 2.93
N PHE A 101 2.81 6.10 3.10
CA PHE A 101 1.95 6.69 4.12
C PHE A 101 1.36 7.97 3.56
N PHE A 102 0.42 8.54 4.30
CA PHE A 102 -0.17 9.80 3.86
C PHE A 102 0.91 10.88 3.88
N ASP A 103 0.88 11.75 2.86
CA ASP A 103 1.73 12.93 2.88
C ASP A 103 1.50 13.74 4.13
N MET A 104 0.23 13.96 4.49
CA MET A 104 -0.15 14.63 5.71
C MET A 104 -0.06 13.69 6.89
N ASP A 105 0.13 14.25 8.09
CA ASP A 105 0.03 13.49 9.33
C ASP A 105 -1.41 13.59 9.83
N ILE A 106 -2.12 12.47 9.85
CA ILE A 106 -3.51 12.41 10.33
C ILE A 106 -3.56 11.80 11.72
N PRO A 107 -4.38 12.34 12.63
CA PRO A 107 -4.36 11.85 14.03
C PRO A 107 -4.37 10.35 14.23
N GLY A 108 -5.34 9.64 13.72
CA GLY A 108 -5.25 8.25 14.15
C GLY A 108 -4.30 7.37 13.35
N GLU A 109 -3.47 7.96 12.50
CA GLU A 109 -2.92 7.34 11.31
C GLU A 109 -1.41 7.15 11.42
N PRO A 110 -0.85 6.11 10.79
CA PRO A 110 0.61 5.99 10.74
C PRO A 110 1.20 7.08 9.87
N THR A 111 2.40 7.55 10.25
CA THR A 111 3.05 8.66 9.56
C THR A 111 4.41 8.25 9.00
N TRP A 112 4.96 9.11 8.14
CA TRP A 112 6.30 8.87 7.61
C TRP A 112 7.36 8.99 8.70
N ASP A 113 7.14 9.88 9.67
CA ASP A 113 8.11 10.09 10.74
C ASP A 113 8.21 8.87 11.65
N GLU A 114 7.11 8.18 11.89
CA GLU A 114 7.18 6.94 12.66
C GLU A 114 7.92 5.86 11.90
N TRP A 115 7.57 5.65 10.62
CA TRP A 115 8.25 4.62 9.86
C TRP A 115 9.74 4.93 9.72
N PHE A 116 10.08 6.22 9.51
CA PHE A 116 11.49 6.57 9.38
C PHE A 116 12.23 6.53 10.71
N GLU A 117 11.54 6.76 11.82
CA GLU A 117 12.16 6.59 13.12
C GLU A 117 12.65 5.14 13.29
N SER A 118 11.77 4.17 13.01
CA SER A 118 12.14 2.77 13.15
C SER A 118 13.16 2.36 12.09
N TYR A 119 12.90 2.70 10.82
CA TYR A 119 13.82 2.27 9.76
C TYR A 119 15.20 2.89 9.93
N ILE A 120 15.28 4.13 10.44
CA ILE A 120 16.61 4.72 10.65
C ILE A 120 17.31 3.99 11.78
N ASN A 121 16.58 3.59 12.81
CA ASN A 121 17.24 2.87 13.88
C ASN A 121 17.71 1.51 13.40
N TYR A 122 16.90 0.87 12.57
CA TYR A 122 17.35 -0.32 11.84
C TYR A 122 18.65 -0.01 11.09
N GLN A 123 18.66 1.06 10.29
CA GLN A 123 19.83 1.35 9.47
C GLN A 123 21.06 1.65 10.31
N LYS A 124 20.90 2.48 11.35
CA LYS A 124 22.06 2.82 12.17
C LYS A 124 22.67 1.57 12.79
N HIS A 125 21.83 0.63 13.20
CA HIS A 125 22.34 -0.56 13.88
C HIS A 125 23.30 -1.33 12.97
N TYR A 126 22.95 -1.46 11.69
CA TYR A 126 23.82 -2.18 10.78
C TYR A 126 24.90 -1.30 10.17
N ALA A 127 24.72 0.03 10.16
CA ALA A 127 25.84 0.90 9.84
C ALA A 127 26.98 0.68 10.84
N LYS A 128 26.64 0.62 12.13
CA LYS A 128 27.65 0.34 13.15
C LYS A 128 28.34 -0.99 12.88
N ILE A 129 27.61 -1.98 12.38
CA ILE A 129 28.27 -3.25 12.07
C ILE A 129 29.13 -3.11 10.82
N ALA A 130 28.66 -2.36 9.82
CA ALA A 130 29.42 -2.19 8.59
C ALA A 130 30.78 -1.55 8.87
N GLU A 131 30.81 -0.59 9.81
CA GLU A 131 32.05 0.13 10.12
C GLU A 131 33.03 -0.73 10.91
N LYS A 132 32.54 -1.44 11.94
CA LYS A 132 33.43 -2.25 12.77
C LYS A 132 34.00 -3.45 12.04
N THR A 133 33.35 -3.91 10.96
CA THR A 133 33.90 -4.97 10.12
C THR A 133 34.54 -4.42 8.85
N ASN A 134 34.54 -3.09 8.66
CA ASN A 134 35.17 -2.45 7.50
C ASN A 134 34.54 -2.93 6.19
N CYS A 135 33.21 -2.89 6.11
CA CYS A 135 32.58 -3.18 4.82
C CYS A 135 32.90 -2.07 3.83
N GLU A 136 33.09 -2.45 2.57
CA GLU A 136 33.43 -1.49 1.54
C GLU A 136 32.24 -0.61 1.17
N MET A 137 31.03 -1.12 1.34
CA MET A 137 29.86 -0.35 0.93
C MET A 137 28.68 -0.71 1.81
N PHE A 138 27.78 0.25 1.95
CA PHE A 138 26.56 0.11 2.72
C PHE A 138 25.43 0.69 1.89
N VAL A 139 24.38 -0.08 1.71
CA VAL A 139 23.26 0.37 0.89
C VAL A 139 22.06 0.52 1.80
N VAL A 140 21.59 1.76 1.92
CA VAL A 140 20.68 2.13 3.00
C VAL A 140 19.24 1.73 2.72
N GLY A 141 18.92 1.34 1.48
CA GLY A 141 17.56 1.01 1.10
C GLY A 141 17.57 0.25 -0.21
N CYS A 142 16.47 -0.48 -0.44
CA CYS A 142 16.37 -1.34 -1.61
C CYS A 142 14.97 -1.21 -2.20
N GLU A 143 14.88 -0.66 -3.41
CA GLU A 143 13.66 -0.67 -4.22
C GLU A 143 12.48 -0.03 -3.48
N MET A 144 12.74 0.98 -2.67
CA MET A 144 11.70 1.70 -1.94
C MET A 144 11.02 2.75 -2.82
N VAL A 145 10.33 2.30 -3.87
CA VAL A 145 9.94 3.25 -4.93
C VAL A 145 9.01 4.33 -4.38
N GLN A 146 7.90 3.93 -3.75
CA GLN A 146 6.95 4.91 -3.26
C GLN A 146 7.52 5.76 -2.12
N ALA A 147 8.55 5.29 -1.42
CA ALA A 147 9.19 6.09 -0.38
C ALA A 147 10.27 7.03 -0.93
N GLU A 148 10.67 6.89 -2.19
CA GLU A 148 11.78 7.70 -2.67
C GLU A 148 11.45 9.19 -2.70
N ARG A 149 10.17 9.55 -2.76
CA ARG A 149 9.76 10.96 -2.81
C ARG A 149 10.04 11.71 -1.51
N ARG A 150 10.21 11.01 -0.39
CA ARG A 150 10.58 11.66 0.87
C ARG A 150 12.09 11.92 0.96
N GLU A 151 12.60 12.69 -0.01
CA GLU A 151 14.04 12.95 -0.06
C GLU A 151 14.53 13.63 1.22
N ASP A 152 13.64 14.31 1.94
CA ASP A 152 14.00 14.92 3.22
C ASP A 152 14.36 13.85 4.24
N LYS A 153 13.54 12.81 4.33
CA LYS A 153 13.80 11.78 5.34
C LYS A 153 14.98 10.89 4.93
N TRP A 154 15.15 10.64 3.62
CA TRP A 154 16.30 9.84 3.19
C TRP A 154 17.62 10.53 3.49
N ARG A 155 17.69 11.85 3.28
CA ARG A 155 18.92 12.58 3.61
C ARG A 155 19.16 12.58 5.11
N GLU A 156 18.06 12.64 5.88
CA GLU A 156 18.17 12.53 7.33
C GLU A 156 18.75 11.17 7.71
N LEU A 157 18.23 10.11 7.10
CA LEU A 157 18.77 8.77 7.31
C LEU A 157 20.24 8.71 6.92
N ILE A 158 20.55 9.16 5.70
CA ILE A 158 21.93 9.13 5.22
C ILE A 158 22.85 9.85 6.19
N ALA A 159 22.44 11.04 6.64
CA ALA A 159 23.22 11.77 7.63
C ALA A 159 23.47 10.91 8.87
N GLU A 160 22.42 10.24 9.36
CA GLU A 160 22.60 9.40 10.55
C GLU A 160 23.56 8.25 10.26
N VAL A 161 23.49 7.67 9.07
CA VAL A 161 24.40 6.59 8.72
C VAL A 161 25.84 7.10 8.69
N ARG A 162 26.06 8.33 8.22
CA ARG A 162 27.44 8.85 8.13
C ARG A 162 28.06 9.04 9.50
N LYS A 163 27.26 9.35 10.52
CA LYS A 163 27.77 9.40 11.87
C LYS A 163 28.33 8.07 12.32
N ASP A 164 27.90 6.98 11.69
CA ASP A 164 28.23 5.65 12.17
C ASP A 164 29.16 4.89 11.23
N TYR A 165 29.35 5.35 9.99
CA TYR A 165 30.04 4.55 8.99
C TYR A 165 30.85 5.43 8.05
N ARG A 166 32.16 5.18 7.96
CA ARG A 166 33.02 6.06 7.19
C ARG A 166 33.07 5.69 5.70
N GLY A 167 32.43 4.61 5.28
CA GLY A 167 32.70 4.02 3.96
C GLY A 167 31.77 4.50 2.86
N LEU A 168 31.75 3.72 1.77
CA LEU A 168 30.91 4.03 0.62
C LEU A 168 29.44 3.74 0.92
N VAL A 169 28.57 4.69 0.61
CA VAL A 169 27.16 4.61 0.92
C VAL A 169 26.37 4.82 -0.36
N THR A 170 25.38 3.94 -0.61
CA THR A 170 24.55 4.00 -1.81
C THR A 170 23.11 3.68 -1.44
N TYR A 171 22.21 3.99 -2.37
CA TYR A 171 20.81 3.59 -2.27
C TYR A 171 20.49 2.77 -3.50
N ASN A 172 19.69 1.73 -3.31
CA ASN A 172 19.41 0.72 -4.34
C ASN A 172 18.00 0.99 -4.84
N THR A 173 17.89 1.62 -6.01
CA THR A 173 16.56 1.89 -6.56
C THR A 173 16.14 0.77 -7.49
N ASP A 174 14.89 0.83 -7.91
CA ASP A 174 14.30 -0.25 -8.69
C ASP A 174 14.58 -0.05 -10.16
N LYS A 175 14.40 -1.13 -10.93
CA LYS A 175 14.40 -1.03 -12.38
C LYS A 175 13.57 0.16 -12.83
N TYR A 176 14.07 0.90 -13.82
CA TYR A 176 13.44 2.06 -14.46
C TYR A 176 13.36 3.28 -13.58
N GLN A 177 13.81 3.21 -12.32
CA GLN A 177 13.64 4.31 -11.40
C GLN A 177 14.94 5.06 -11.11
N GLU A 178 16.00 4.82 -11.90
CA GLU A 178 17.30 5.39 -11.59
C GLU A 178 17.23 6.91 -11.46
N ASP A 179 16.33 7.55 -12.21
CA ASP A 179 16.13 9.00 -12.16
C ASP A 179 15.03 9.43 -11.19
N ASN A 180 14.26 8.49 -10.67
CA ASN A 180 13.25 8.82 -9.68
C ASN A 180 13.84 9.30 -8.36
N VAL A 181 15.10 8.97 -8.06
CA VAL A 181 15.74 9.38 -6.81
C VAL A 181 16.36 10.75 -6.99
N LYS A 182 15.92 11.72 -6.20
CA LYS A 182 16.44 13.07 -6.25
C LYS A 182 17.49 13.33 -5.18
N PHE A 183 18.06 12.29 -4.57
CA PHE A 183 19.06 12.54 -3.54
C PHE A 183 20.36 11.81 -3.80
N TRP A 184 20.67 11.50 -5.05
CA TRP A 184 21.96 10.90 -5.35
C TRP A 184 23.12 11.78 -4.92
N ASP A 185 22.90 13.09 -4.80
CA ASP A 185 24.01 13.96 -4.39
C ASP A 185 24.46 13.67 -2.96
N ALA A 186 23.56 13.15 -2.11
CA ALA A 186 23.92 12.83 -0.74
C ALA A 186 24.65 11.51 -0.59
N LEU A 187 24.88 10.79 -1.69
CA LEU A 187 25.46 9.46 -1.67
C LEU A 187 26.77 9.46 -2.43
N ASP A 188 27.47 8.33 -2.36
CA ASP A 188 28.73 8.19 -3.06
C ASP A 188 28.64 7.31 -4.31
N VAL A 189 27.65 6.42 -4.38
CA VAL A 189 27.49 5.57 -5.54
C VAL A 189 26.01 5.49 -5.87
N ILE A 190 25.72 5.41 -7.17
CA ILE A 190 24.36 5.18 -7.65
C ILE A 190 24.24 3.71 -8.02
N SER A 191 23.10 3.12 -7.70
CA SER A 191 22.88 1.71 -7.97
C SER A 191 21.38 1.45 -8.09
N SER A 192 21.02 0.59 -9.04
CA SER A 192 19.65 0.13 -9.24
C SER A 192 19.64 -1.39 -9.37
N SER A 193 18.42 -1.96 -9.28
CA SER A 193 18.15 -3.35 -9.62
C SER A 193 17.95 -3.45 -11.13
N GLY A 194 18.98 -3.89 -11.84
CA GLY A 194 18.93 -3.86 -13.29
C GLY A 194 18.22 -5.05 -13.91
N TYR A 195 16.98 -5.30 -13.51
CA TYR A 195 16.17 -6.39 -14.04
C TYR A 195 15.54 -5.94 -15.35
N TYR A 196 16.35 -5.91 -16.41
CA TYR A 196 15.86 -5.36 -17.69
C TYR A 196 15.68 -6.46 -18.72
N PRO A 197 14.65 -6.37 -19.56
CA PRO A 197 14.34 -7.46 -20.50
C PRO A 197 15.51 -7.75 -21.43
N ILE A 198 15.62 -9.03 -21.83
CA ILE A 198 16.71 -9.47 -22.69
C ILE A 198 16.70 -8.76 -24.04
N ASN A 199 15.57 -8.18 -24.45
CA ASN A 199 15.46 -7.49 -25.73
C ASN A 199 15.39 -5.98 -25.59
N ASP A 200 15.69 -5.42 -24.43
CA ASP A 200 15.51 -3.99 -24.22
C ASP A 200 16.75 -3.31 -23.64
N TRP A 201 17.93 -3.92 -23.77
CA TRP A 201 19.10 -3.39 -23.07
C TRP A 201 19.58 -2.07 -23.67
N ASP A 202 19.50 -1.93 -24.99
CA ASP A 202 20.05 -0.75 -25.64
C ASP A 202 19.27 0.49 -25.21
N ARG A 203 17.95 0.39 -25.22
CA ARG A 203 17.13 1.54 -24.86
C ARG A 203 17.27 1.87 -23.37
N GLN A 204 17.32 0.84 -22.51
CA GLN A 204 17.40 1.13 -21.08
C GLN A 204 18.78 1.61 -20.67
N LEU A 205 19.84 0.99 -21.18
CA LEU A 205 21.17 1.48 -20.85
C LEU A 205 21.32 2.92 -21.32
N ASP A 206 20.86 3.22 -22.55
CA ASP A 206 20.93 4.58 -23.06
C ASP A 206 20.21 5.54 -22.14
N ARG A 207 19.05 5.14 -21.61
CA ARG A 207 18.32 6.00 -20.68
C ARG A 207 19.12 6.21 -19.40
N ILE A 208 19.69 5.14 -18.85
CA ILE A 208 20.42 5.28 -17.59
C ILE A 208 21.71 6.05 -17.82
N GLU A 209 22.30 5.93 -19.01
CA GLU A 209 23.56 6.63 -19.28
C GLU A 209 23.37 8.13 -19.20
N ALA A 210 22.28 8.65 -19.78
CA ALA A 210 21.98 10.08 -19.64
C ALA A 210 21.84 10.48 -18.18
N VAL A 211 21.24 9.62 -17.36
CA VAL A 211 21.00 9.99 -15.97
C VAL A 211 22.31 10.04 -15.19
N VAL A 212 23.12 8.97 -15.27
CA VAL A 212 24.36 8.94 -14.51
C VAL A 212 25.39 9.95 -15.02
N LYS A 213 25.28 10.41 -16.27
CA LYS A 213 26.24 11.40 -16.77
C LYS A 213 26.05 12.78 -16.15
N GLN A 214 24.98 12.98 -15.38
CA GLN A 214 24.75 14.23 -14.67
C GLN A 214 25.42 14.25 -13.30
N TYR A 215 25.96 13.12 -12.83
CA TYR A 215 26.29 13.00 -11.42
C TYR A 215 27.77 12.84 -11.10
N ASP A 216 28.60 12.33 -12.01
CA ASP A 216 30.02 12.18 -11.72
C ASP A 216 30.21 11.33 -10.45
N LYS A 217 29.43 10.27 -10.36
CA LYS A 217 29.60 9.25 -9.35
C LYS A 217 29.57 7.91 -10.04
N PRO A 218 30.29 6.92 -9.51
CA PRO A 218 30.23 5.59 -10.11
C PRO A 218 28.82 5.02 -10.02
N PHE A 219 28.54 4.04 -10.87
CA PHE A 219 27.24 3.39 -10.82
C PHE A 219 27.41 1.89 -11.02
N PHE A 220 26.60 1.09 -10.34
CA PHE A 220 26.61 -0.34 -10.65
C PHE A 220 25.23 -0.92 -10.41
N PHE A 221 25.01 -2.11 -10.98
CA PHE A 221 23.70 -2.78 -10.92
C PHE A 221 23.70 -3.69 -9.69
N VAL A 222 23.44 -3.07 -8.54
CA VAL A 222 23.60 -3.75 -7.26
C VAL A 222 22.66 -4.95 -7.12
N GLU A 223 21.57 -4.99 -7.88
CA GLU A 223 20.84 -6.23 -8.12
C GLU A 223 20.76 -6.47 -9.62
N ALA A 224 20.93 -7.72 -10.03
CA ALA A 224 20.73 -8.16 -11.41
C ALA A 224 20.76 -9.68 -11.42
N GLY A 225 20.08 -10.26 -12.39
CA GLY A 225 20.07 -11.70 -12.54
C GLY A 225 18.78 -12.16 -13.18
N CYS A 226 18.58 -13.48 -13.16
CA CYS A 226 17.46 -14.10 -13.87
C CYS A 226 17.19 -15.53 -13.38
N PRO A 227 15.94 -15.89 -13.07
CA PRO A 227 15.64 -17.31 -12.82
C PRO A 227 15.83 -18.11 -14.09
N SER A 228 15.92 -19.43 -13.93
CA SER A 228 15.94 -20.33 -15.09
C SER A 228 14.53 -20.83 -15.33
N ARG A 229 13.71 -19.97 -15.93
CA ARG A 229 12.34 -20.30 -16.29
C ARG A 229 11.99 -19.70 -17.64
N SER A 230 11.13 -20.41 -18.38
CA SER A 230 10.55 -19.86 -19.60
C SER A 230 9.77 -18.58 -19.30
N GLY A 231 10.07 -17.52 -20.03
CA GLY A 231 9.49 -16.22 -19.80
C GLY A 231 10.26 -15.34 -18.85
N SER A 232 11.23 -15.90 -18.11
CA SER A 232 11.99 -15.11 -17.14
C SER A 232 12.87 -14.06 -17.81
N ALA A 233 13.44 -14.36 -18.97
CA ALA A 233 14.36 -13.41 -19.58
C ALA A 233 13.67 -12.11 -20.02
N LEU A 234 12.34 -12.10 -20.12
CA LEU A 234 11.60 -10.87 -20.40
C LEU A 234 11.20 -10.12 -19.14
N LEU A 235 11.03 -10.83 -18.02
CA LEU A 235 10.62 -10.23 -16.75
C LEU A 235 11.50 -10.78 -15.62
N PRO A 236 12.81 -10.52 -15.67
CA PRO A 236 13.75 -11.24 -14.78
C PRO A 236 13.60 -10.90 -13.32
N ASN A 237 12.89 -9.82 -12.99
CA ASN A 237 12.65 -9.43 -11.60
C ASN A 237 11.55 -10.26 -10.95
N LYS A 238 10.71 -10.91 -11.74
CA LYS A 238 9.52 -11.59 -11.22
C LYS A 238 9.95 -12.90 -10.57
N TRP A 239 10.20 -12.88 -9.26
CA TRP A 239 10.63 -14.10 -8.61
C TRP A 239 9.57 -15.19 -8.70
N ASP A 240 8.29 -14.83 -8.71
CA ASP A 240 7.23 -15.83 -8.75
C ASP A 240 6.67 -16.05 -10.16
N LEU A 241 7.44 -15.74 -11.19
CA LEU A 241 6.98 -15.99 -12.55
C LEU A 241 6.63 -17.45 -12.75
N GLU A 242 5.53 -17.70 -13.45
CA GLU A 242 5.11 -19.06 -13.78
C GLU A 242 5.72 -19.46 -15.12
N GLY A 243 6.54 -20.52 -15.10
CA GLY A 243 7.15 -21.01 -16.31
C GLY A 243 7.85 -22.33 -16.10
N ALA A 244 7.94 -23.14 -17.15
CA ALA A 244 8.70 -24.38 -17.06
C ALA A 244 10.15 -24.07 -16.70
N ILE A 245 10.84 -25.08 -16.18
CA ILE A 245 12.26 -24.93 -15.91
C ILE A 245 12.99 -24.71 -17.22
N ASN A 246 13.99 -23.83 -17.20
CA ASN A 246 14.72 -23.54 -18.45
C ASN A 246 16.10 -22.95 -18.15
N LEU A 247 17.10 -23.83 -18.01
CA LEU A 247 18.43 -23.36 -17.66
C LEU A 247 19.06 -22.57 -18.79
N GLN A 248 18.81 -22.95 -20.05
CA GLN A 248 19.37 -22.17 -21.16
C GLN A 248 18.83 -20.74 -21.15
N GLU A 249 17.54 -20.56 -20.84
CA GLU A 249 17.02 -19.20 -20.81
C GLU A 249 17.84 -18.33 -19.87
N GLN A 250 18.17 -18.84 -18.68
CA GLN A 250 18.95 -18.06 -17.73
C GLN A 250 20.33 -17.72 -18.28
N ALA A 251 21.00 -18.70 -18.90
CA ALA A 251 22.32 -18.45 -19.46
C ALA A 251 22.27 -17.43 -20.59
N ASP A 252 21.20 -17.49 -21.41
CA ASP A 252 21.04 -16.53 -22.52
C ASP A 252 20.87 -15.11 -22.00
N TYR A 253 20.07 -14.93 -20.96
CA TYR A 253 19.95 -13.63 -20.32
C TYR A 253 21.31 -13.12 -19.86
N TYR A 254 22.01 -13.91 -19.04
CA TYR A 254 23.33 -13.51 -18.55
C TYR A 254 24.25 -13.15 -19.72
N GLN A 255 24.25 -13.97 -20.77
CA GLN A 255 25.18 -13.74 -21.88
C GLN A 255 24.92 -12.40 -22.56
N VAL A 256 23.65 -12.05 -22.74
CA VAL A 256 23.31 -10.79 -23.39
C VAL A 256 23.51 -9.62 -22.42
N MET A 257 23.19 -9.81 -21.15
CA MET A 257 23.41 -8.74 -20.20
C MET A 257 24.86 -8.29 -20.20
N PHE A 258 25.79 -9.25 -20.24
CA PHE A 258 27.21 -8.91 -20.22
C PHE A 258 27.67 -8.33 -21.57
N GLU A 259 27.24 -8.92 -22.68
CA GLU A 259 27.53 -8.33 -23.99
C GLU A 259 27.08 -6.88 -24.03
N LYS A 260 25.81 -6.63 -23.69
CA LYS A 260 25.25 -5.29 -23.78
C LYS A 260 25.96 -4.31 -22.86
N THR A 261 26.38 -4.75 -21.67
CA THR A 261 26.87 -3.80 -20.70
C THR A 261 28.37 -3.67 -20.70
N ALA A 262 29.11 -4.63 -21.24
CA ALA A 262 30.56 -4.51 -21.23
C ALA A 262 31.03 -3.29 -22.03
N SER A 263 30.21 -2.77 -22.95
CA SER A 263 30.58 -1.63 -23.77
C SER A 263 30.40 -0.31 -23.03
N ARG A 264 29.55 -0.26 -22.00
CA ARG A 264 29.35 0.97 -21.23
C ARG A 264 30.32 0.98 -20.06
N SER A 265 31.34 1.84 -20.15
CA SER A 265 32.32 1.97 -19.07
C SER A 265 31.70 2.54 -17.79
N TRP A 266 30.52 3.15 -17.89
CA TRP A 266 29.83 3.64 -16.70
C TRP A 266 29.10 2.53 -15.94
N VAL A 267 28.74 1.43 -16.60
CA VAL A 267 28.24 0.28 -15.84
C VAL A 267 29.40 -0.26 -15.02
N GLY A 268 29.39 0.03 -13.72
CA GLY A 268 30.49 -0.23 -12.82
C GLY A 268 30.45 -1.55 -12.09
N GLY A 269 29.58 -2.48 -12.47
CA GLY A 269 29.60 -3.80 -11.89
C GLY A 269 28.21 -4.28 -11.56
N PHE A 270 28.14 -5.39 -10.82
CA PHE A 270 26.89 -6.07 -10.56
C PHE A 270 26.86 -6.59 -9.13
N GLY A 271 25.67 -6.60 -8.55
CA GLY A 271 25.41 -7.44 -7.40
C GLY A 271 24.47 -8.56 -7.81
N LEU A 272 25.02 -9.62 -8.39
CA LEU A 272 24.19 -10.61 -9.04
C LEU A 272 23.26 -11.29 -8.04
N TRP A 273 22.07 -11.64 -8.48
CA TRP A 273 21.01 -12.10 -7.59
C TRP A 273 20.58 -13.49 -8.02
N ASP A 274 20.78 -14.49 -7.15
CA ASP A 274 21.36 -14.37 -5.81
C ASP A 274 21.91 -15.74 -5.42
N TRP A 275 22.77 -15.77 -4.41
CA TRP A 275 23.41 -17.01 -3.98
C TRP A 275 22.94 -17.35 -2.58
N GLN A 276 22.28 -18.50 -2.46
CA GLN A 276 21.64 -18.86 -1.20
C GLN A 276 22.66 -19.28 -0.16
N THR A 277 22.34 -18.98 1.11
CA THR A 277 23.15 -19.48 2.22
C THR A 277 23.11 -21.00 2.31
N TYR A 278 21.90 -21.56 2.26
CA TYR A 278 21.68 -23.01 2.25
C TYR A 278 21.51 -23.41 0.80
N LEU A 279 22.65 -23.69 0.16
CA LEU A 279 22.70 -23.99 -1.26
C LEU A 279 22.08 -25.36 -1.55
N TYR A 280 21.38 -25.45 -2.68
CA TYR A 280 20.88 -26.75 -3.13
C TYR A 280 22.04 -27.65 -3.55
N ASP A 281 21.81 -28.96 -3.51
CA ASP A 281 22.85 -29.87 -3.96
C ASP A 281 23.03 -29.76 -5.47
N GLU A 282 24.28 -29.85 -5.92
CA GLU A 282 24.55 -29.76 -7.36
C GLU A 282 23.71 -30.75 -8.14
N LYS A 283 23.58 -31.99 -7.65
CA LYS A 283 22.76 -32.99 -8.33
C LYS A 283 21.40 -32.43 -8.71
N ASP A 284 20.91 -31.45 -7.96
CA ASP A 284 19.58 -30.92 -8.17
C ASP A 284 19.54 -29.70 -9.08
N ALA A 285 20.69 -29.20 -9.53
CA ALA A 285 20.72 -27.92 -10.23
C ALA A 285 19.82 -27.92 -11.47
N THR A 286 19.93 -28.96 -12.29
CA THR A 286 19.15 -29.03 -13.53
C THR A 286 17.65 -28.96 -13.30
N LYS A 287 17.19 -29.13 -12.07
CA LYS A 287 15.77 -29.07 -11.74
C LYS A 287 15.41 -27.81 -10.99
N ASN A 288 16.33 -26.88 -10.84
CA ASN A 288 16.10 -25.66 -10.05
C ASN A 288 15.69 -24.53 -10.98
N ASP A 289 14.50 -23.99 -10.76
CA ASP A 289 13.95 -22.93 -11.59
C ASP A 289 14.19 -21.54 -11.01
N ASP A 290 15.19 -21.39 -10.17
CA ASP A 290 15.33 -20.19 -9.36
C ASP A 290 16.53 -19.37 -9.82
N TYR A 291 16.77 -18.26 -9.12
CA TYR A 291 17.82 -17.33 -9.51
C TYR A 291 19.19 -17.95 -9.46
N GLY A 292 19.40 -18.94 -8.59
CA GLY A 292 20.69 -19.56 -8.41
C GLY A 292 21.39 -19.88 -9.71
N VAL A 293 22.72 -19.77 -9.72
CA VAL A 293 23.51 -20.14 -10.88
C VAL A 293 24.34 -21.38 -10.64
N PHE A 294 24.42 -21.85 -9.39
CA PHE A 294 25.25 -22.99 -9.02
C PHE A 294 24.87 -24.20 -9.86
N GLY A 295 25.86 -24.76 -10.55
CA GLY A 295 25.63 -25.95 -11.33
C GLY A 295 24.79 -25.75 -12.57
N LYS A 296 24.66 -24.53 -13.06
CA LYS A 296 23.90 -24.30 -14.27
C LYS A 296 24.79 -23.64 -15.29
N PRO A 297 24.43 -23.69 -16.58
CA PRO A 297 25.28 -23.05 -17.61
C PRO A 297 25.63 -21.62 -17.31
N ALA A 298 24.75 -20.88 -16.63
CA ALA A 298 25.00 -19.46 -16.33
C ALA A 298 26.17 -19.28 -15.38
N GLU A 299 26.39 -20.27 -14.49
CA GLU A 299 27.55 -20.21 -13.62
C GLU A 299 28.81 -20.01 -14.44
N ARG A 300 28.92 -20.69 -15.57
CA ARG A 300 30.14 -20.60 -16.34
C ARG A 300 30.20 -19.27 -17.08
N VAL A 301 29.05 -18.77 -17.56
CA VAL A 301 29.01 -17.46 -18.21
C VAL A 301 29.49 -16.36 -17.25
N ILE A 302 29.00 -16.38 -16.01
CA ILE A 302 29.35 -15.35 -15.04
C ILE A 302 30.84 -15.37 -14.71
N LYS A 303 31.38 -16.54 -14.38
CA LYS A 303 32.80 -16.60 -14.03
C LYS A 303 33.66 -16.18 -15.21
N ALA A 304 33.30 -16.64 -16.41
CA ALA A 304 34.07 -16.27 -17.60
C ALA A 304 34.12 -14.75 -17.79
N TYR A 305 32.99 -14.07 -17.61
CA TYR A 305 32.99 -12.62 -17.76
C TYR A 305 33.71 -11.94 -16.60
N TYR A 306 33.60 -12.47 -15.39
CA TYR A 306 34.35 -11.91 -14.27
C TYR A 306 35.85 -12.16 -14.42
N GLN A 307 36.24 -13.21 -15.17
CA GLN A 307 37.64 -13.34 -15.59
C GLN A 307 38.01 -12.23 -16.56
N SER A 308 37.15 -11.97 -17.56
CA SER A 308 37.39 -11.05 -18.67
C SER A 308 38.02 -9.75 -18.25
N ARG A 309 37.62 -9.25 -17.07
CA ARG A 309 38.15 -8.02 -16.52
C ARG A 309 38.93 -8.29 -15.24
N MET B 1 -29.92 22.17 -2.29
CA MET B 1 -30.27 20.81 -1.84
C MET B 1 -30.78 20.71 -0.39
N GLU B 2 -31.92 20.02 -0.27
CA GLU B 2 -32.54 19.70 1.00
C GLU B 2 -31.54 19.12 2.00
N PHE B 3 -31.76 19.34 3.29
CA PHE B 3 -30.91 18.75 4.32
C PHE B 3 -31.20 17.25 4.41
N ILE B 4 -30.22 16.43 4.08
CA ILE B 4 -30.41 14.98 4.07
C ILE B 4 -30.22 14.46 5.50
N LYS B 5 -31.30 14.00 6.10
CA LYS B 5 -31.25 13.29 7.37
C LYS B 5 -31.09 11.83 7.01
N GLY B 6 -29.84 11.39 6.95
CA GLY B 6 -29.51 10.09 6.40
C GLY B 6 -28.99 9.14 7.45
N PHE B 7 -29.17 7.86 7.20
CA PHE B 7 -28.51 6.84 8.01
C PHE B 7 -27.99 5.76 7.06
N THR B 8 -26.75 5.37 7.28
CA THR B 8 -26.13 4.31 6.49
C THR B 8 -26.66 2.97 6.95
N PHE B 9 -26.94 2.10 5.97
CA PHE B 9 -27.53 0.80 6.20
C PHE B 9 -26.82 -0.21 5.31
N GLY B 10 -26.76 -1.46 5.77
CA GLY B 10 -26.29 -2.54 4.94
C GLY B 10 -24.80 -2.82 4.94
N TRP B 11 -24.00 -2.12 5.75
CA TRP B 11 -22.55 -2.34 5.68
C TRP B 11 -22.17 -3.78 6.01
N ASP B 12 -22.99 -4.50 6.78
CA ASP B 12 -22.64 -5.88 7.14
C ASP B 12 -23.20 -6.89 6.15
N SER B 13 -23.91 -6.45 5.12
CA SER B 13 -24.64 -7.39 4.27
C SER B 13 -23.68 -8.29 3.49
N GLN B 14 -24.13 -9.53 3.28
CA GLN B 14 -23.53 -10.47 2.35
C GLN B 14 -24.65 -11.08 1.51
N LYS B 15 -24.27 -11.88 0.51
CA LYS B 15 -25.26 -12.46 -0.39
C LYS B 15 -26.33 -13.19 0.41
N GLY B 16 -27.59 -12.86 0.12
CA GLY B 16 -28.73 -13.40 0.82
C GLY B 16 -29.35 -12.47 1.84
N TYR B 17 -28.57 -11.57 2.44
CA TYR B 17 -29.06 -10.77 3.57
C TYR B 17 -30.32 -10.00 3.20
N PHE B 18 -30.33 -9.33 2.05
CA PHE B 18 -31.44 -8.46 1.71
C PHE B 18 -32.72 -9.25 1.41
N LYS B 19 -32.60 -10.52 1.03
CA LYS B 19 -33.80 -11.32 0.81
C LYS B 19 -34.60 -11.43 2.10
N THR B 20 -33.95 -11.88 3.17
CA THR B 20 -34.64 -12.22 4.43
C THR B 20 -35.51 -11.08 4.92
N GLU B 21 -36.61 -11.44 5.60
CA GLU B 21 -37.48 -10.45 6.22
C GLU B 21 -36.76 -9.74 7.35
N ARG B 22 -35.81 -10.43 7.98
CA ARG B 22 -35.00 -9.82 9.03
C ARG B 22 -34.42 -8.48 8.58
N ALA B 23 -33.77 -8.47 7.41
CA ALA B 23 -33.25 -7.22 6.86
C ALA B 23 -34.32 -6.15 6.80
N LYS B 24 -35.49 -6.49 6.26
CA LYS B 24 -36.56 -5.49 6.13
C LYS B 24 -36.97 -4.96 7.50
N GLU B 25 -36.93 -5.81 8.53
CA GLU B 25 -37.26 -5.36 9.88
C GLU B 25 -36.30 -4.27 10.35
N SER B 26 -35.00 -4.55 10.29
CA SER B 26 -33.98 -3.58 10.72
C SER B 26 -34.16 -2.23 10.04
N LEU B 27 -34.37 -2.23 8.72
CA LEU B 27 -34.62 -0.97 8.01
C LEU B 27 -35.87 -0.28 8.52
N ARG B 28 -36.90 -1.04 8.94
CA ARG B 28 -38.10 -0.43 9.48
C ARG B 28 -37.85 0.23 10.84
N LEU B 29 -37.08 -0.42 11.71
CA LEU B 29 -36.74 0.23 12.99
C LEU B 29 -35.89 1.47 12.77
N MET B 30 -34.90 1.39 11.88
CA MET B 30 -34.06 2.56 11.63
C MET B 30 -34.89 3.77 11.23
N GLN B 31 -35.88 3.57 10.36
CA GLN B 31 -36.72 4.70 9.97
C GLN B 31 -37.48 5.24 11.18
N GLU B 32 -38.07 4.35 11.98
CA GLU B 32 -38.94 4.77 13.08
C GLU B 32 -38.15 5.29 14.26
N ARG B 33 -36.96 4.73 14.51
CA ARG B 33 -36.15 5.11 15.67
C ARG B 33 -35.37 6.39 15.45
N THR B 34 -34.91 6.66 14.23
CA THR B 34 -34.04 7.80 13.96
C THR B 34 -34.72 8.90 13.15
N ALA B 35 -35.93 8.66 12.63
CA ALA B 35 -36.61 9.61 11.74
C ALA B 35 -35.73 9.99 10.55
N SER B 36 -34.92 9.04 10.10
CA SER B 36 -34.07 9.27 8.94
C SER B 36 -34.91 9.31 7.67
N GLU B 37 -34.57 10.23 6.77
CA GLU B 37 -35.29 10.39 5.52
C GLU B 37 -34.54 9.89 4.29
N TYR B 38 -33.22 9.71 4.40
CA TYR B 38 -32.42 9.02 3.39
C TYR B 38 -31.77 7.80 4.03
N VAL B 39 -31.60 6.75 3.24
CA VAL B 39 -30.81 5.59 3.61
C VAL B 39 -29.60 5.57 2.70
N ILE B 40 -28.43 5.33 3.28
CA ILE B 40 -27.22 5.18 2.50
C ILE B 40 -26.90 3.69 2.48
N VAL B 41 -27.08 3.08 1.32
CA VAL B 41 -26.79 1.66 1.13
C VAL B 41 -25.31 1.53 0.79
N ALA B 42 -24.53 0.99 1.72
CA ALA B 42 -23.08 0.98 1.62
C ALA B 42 -22.62 -0.46 1.37
N LEU B 43 -22.06 -0.71 0.18
CA LEU B 43 -21.57 -2.01 -0.23
C LEU B 43 -20.06 -1.98 -0.48
N ALA B 44 -19.43 -3.14 -0.40
CA ALA B 44 -18.00 -3.23 -0.63
C ALA B 44 -17.74 -4.36 -1.61
N ALA B 45 -17.14 -4.04 -2.75
CA ALA B 45 -16.48 -5.07 -3.52
C ALA B 45 -15.22 -5.51 -2.76
N LEU B 46 -14.49 -6.45 -3.32
CA LEU B 46 -13.24 -6.85 -2.70
C LEU B 46 -12.17 -6.94 -3.77
N GLN B 47 -10.97 -6.51 -3.41
CA GLN B 47 -9.76 -6.81 -4.13
C GLN B 47 -8.78 -7.42 -3.13
N ASP B 48 -7.79 -8.12 -3.65
CA ASP B 48 -6.90 -8.90 -2.79
C ASP B 48 -6.14 -7.99 -1.83
N THR B 49 -5.41 -7.02 -2.37
CA THR B 49 -4.57 -6.14 -1.58
C THR B 49 -4.74 -4.71 -2.08
N ALA B 50 -4.22 -3.75 -1.32
CA ALA B 50 -4.22 -2.36 -1.74
C ALA B 50 -3.50 -2.14 -3.07
N HIS B 51 -2.81 -3.15 -3.61
CA HIS B 51 -2.06 -2.97 -4.85
C HIS B 51 -2.41 -4.01 -5.90
N SER B 52 -3.54 -4.69 -5.73
CA SER B 52 -4.15 -5.54 -6.76
C SER B 52 -5.13 -4.72 -7.59
N THR B 53 -5.37 -5.18 -8.81
CA THR B 53 -6.12 -4.39 -9.78
C THR B 53 -7.48 -4.97 -10.12
N GLU B 54 -7.84 -6.12 -9.56
CA GLU B 54 -9.09 -6.80 -9.93
C GLU B 54 -10.09 -6.63 -8.80
N VAL B 55 -11.17 -5.93 -9.10
CA VAL B 55 -12.20 -5.58 -8.13
C VAL B 55 -13.35 -6.54 -8.33
N ASP B 56 -13.69 -7.30 -7.28
CA ASP B 56 -14.64 -8.41 -7.33
C ASP B 56 -15.94 -8.00 -6.65
N PHE B 57 -17.04 -8.02 -7.40
CA PHE B 57 -18.36 -7.75 -6.82
C PHE B 57 -19.32 -8.90 -7.05
N GLN B 58 -18.78 -10.08 -7.35
CA GLN B 58 -19.63 -11.24 -7.62
C GLN B 58 -19.65 -12.26 -6.50
N GLY B 59 -18.60 -12.30 -5.68
CA GLY B 59 -18.55 -13.22 -4.56
C GLY B 59 -19.67 -13.01 -3.55
N SER B 60 -19.74 -13.95 -2.61
CA SER B 60 -20.76 -13.93 -1.57
C SER B 60 -20.64 -12.74 -0.64
N HIS B 61 -19.49 -12.05 -0.63
CA HIS B 61 -19.37 -10.83 0.15
C HIS B 61 -20.32 -9.73 -0.33
N MET B 62 -20.80 -9.84 -1.56
CA MET B 62 -21.63 -8.79 -2.18
C MET B 62 -23.04 -9.31 -2.40
N VAL B 63 -24.03 -8.49 -2.06
CA VAL B 63 -25.42 -8.85 -2.35
C VAL B 63 -25.60 -8.98 -3.86
N ASP B 64 -26.53 -9.84 -4.25
CA ASP B 64 -26.94 -10.00 -5.64
C ASP B 64 -27.79 -8.82 -6.08
N ASP B 65 -27.83 -8.60 -7.41
CA ASP B 65 -28.63 -7.54 -7.96
C ASP B 65 -30.11 -7.75 -7.66
N ASP B 66 -30.59 -9.00 -7.72
CA ASP B 66 -31.91 -9.38 -7.24
C ASP B 66 -32.26 -8.69 -5.93
N GLU B 67 -31.56 -9.07 -4.87
CA GLU B 67 -31.90 -8.55 -3.55
C GLU B 67 -31.55 -7.09 -3.40
N LEU B 68 -30.50 -6.62 -4.08
CA LEU B 68 -30.18 -5.19 -4.02
C LEU B 68 -31.36 -4.38 -4.51
N ILE B 69 -31.88 -4.70 -5.69
CA ILE B 69 -33.04 -3.99 -6.24
C ILE B 69 -34.25 -4.16 -5.32
N GLU B 70 -34.40 -5.34 -4.72
CA GLU B 70 -35.49 -5.57 -3.79
C GLU B 70 -35.43 -4.59 -2.63
N LEU B 71 -34.30 -4.59 -1.91
CA LEU B 71 -34.17 -3.76 -0.71
C LEU B 71 -34.36 -2.28 -1.02
N ILE B 72 -33.86 -1.84 -2.18
CA ILE B 72 -34.00 -0.44 -2.56
C ILE B 72 -35.47 -0.11 -2.77
N ASP B 73 -36.13 -0.86 -3.67
CA ASP B 73 -37.57 -0.79 -3.85
C ASP B 73 -38.32 -0.71 -2.53
N TYR B 74 -38.03 -1.65 -1.63
CA TYR B 74 -38.69 -1.66 -0.33
C TYR B 74 -38.44 -0.35 0.41
N ALA B 75 -37.18 0.08 0.50
CA ALA B 75 -36.87 1.35 1.14
C ALA B 75 -37.67 2.50 0.53
N LYS B 76 -37.74 2.55 -0.81
CA LYS B 76 -38.54 3.57 -1.47
C LYS B 76 -40.02 3.46 -1.10
N SER B 77 -40.49 2.25 -0.84
CA SER B 77 -41.85 2.01 -0.40
C SER B 77 -42.09 2.32 1.07
N LEU B 78 -41.16 3.03 1.73
CA LEU B 78 -41.42 3.56 3.07
C LEU B 78 -41.23 5.07 3.12
N GLY B 79 -41.09 5.72 1.97
CA GLY B 79 -40.78 7.13 1.95
C GLY B 79 -39.31 7.46 2.04
N LEU B 80 -38.44 6.46 2.09
CA LEU B 80 -37.01 6.71 2.13
C LEU B 80 -36.47 7.09 0.76
N LYS B 81 -35.52 8.02 0.74
CA LYS B 81 -34.67 8.25 -0.42
C LYS B 81 -33.38 7.45 -0.26
N VAL B 82 -32.85 6.94 -1.36
CA VAL B 82 -31.74 5.98 -1.32
C VAL B 82 -30.49 6.61 -1.93
N ILE B 83 -29.37 6.45 -1.23
CA ILE B 83 -28.05 6.77 -1.77
C ILE B 83 -27.29 5.45 -1.94
N LEU B 84 -26.88 5.15 -3.16
CA LEU B 84 -26.13 3.92 -3.42
C LEU B 84 -24.64 4.19 -3.35
N LYS B 85 -23.94 3.42 -2.52
CA LYS B 85 -22.55 3.70 -2.16
C LYS B 85 -21.74 2.42 -2.32
N PRO B 86 -21.33 2.09 -3.55
CA PRO B 86 -20.45 0.93 -3.73
C PRO B 86 -18.99 1.30 -3.57
N THR B 87 -18.34 0.82 -2.52
CA THR B 87 -16.92 1.06 -2.39
C THR B 87 -16.17 -0.28 -2.51
N VAL B 88 -14.93 -0.34 -2.03
CA VAL B 88 -14.13 -1.57 -2.17
C VAL B 88 -13.25 -1.73 -0.94
N ASN B 89 -13.13 -2.97 -0.46
CA ASN B 89 -12.25 -3.31 0.66
C ASN B 89 -11.17 -4.28 0.18
N CYS B 90 -10.14 -4.40 1.00
CA CYS B 90 -9.03 -5.30 0.71
C CYS B 90 -9.19 -6.57 1.52
N ARG B 91 -9.01 -7.72 0.86
CA ARG B 91 -9.14 -8.99 1.55
C ARG B 91 -8.08 -9.16 2.62
N ASN B 92 -6.92 -8.54 2.43
CA ASN B 92 -5.89 -8.62 3.46
C ASN B 92 -6.11 -7.61 4.59
N GLY B 93 -7.23 -6.89 4.59
CA GLY B 93 -7.53 -5.97 5.67
C GLY B 93 -7.05 -4.55 5.49
N THR B 94 -6.18 -4.28 4.52
CA THR B 94 -5.66 -2.94 4.33
C THR B 94 -6.78 -1.96 4.01
N TRP B 95 -6.86 -0.87 4.78
CA TRP B 95 -7.79 0.22 4.51
C TRP B 95 -7.67 0.70 3.07
N ARG B 96 -8.81 0.89 2.40
CA ARG B 96 -8.82 1.27 0.99
C ARG B 96 -8.13 2.61 0.73
N ALA B 97 -7.99 3.46 1.76
CA ALA B 97 -7.27 4.72 1.57
C ALA B 97 -5.83 4.53 1.10
N HIS B 98 -5.29 3.32 1.22
CA HIS B 98 -3.91 3.02 0.83
C HIS B 98 -3.79 2.42 -0.56
N ILE B 99 -4.91 2.05 -1.20
CA ILE B 99 -4.85 1.53 -2.57
C ILE B 99 -4.02 2.48 -3.41
N ASN B 100 -3.05 1.95 -4.13
CA ASN B 100 -2.04 2.83 -4.73
C ASN B 100 -1.16 2.02 -5.67
N PHE B 101 -0.66 2.69 -6.71
CA PHE B 101 0.22 2.10 -7.70
C PHE B 101 1.28 3.13 -8.05
N PHE B 102 2.33 2.69 -8.74
CA PHE B 102 3.41 3.60 -9.13
C PHE B 102 2.89 4.68 -10.09
N ASP B 103 3.39 5.90 -9.91
CA ASP B 103 3.02 6.99 -10.81
C ASP B 103 3.30 6.63 -12.27
N MET B 104 4.29 5.78 -12.50
CA MET B 104 4.68 5.32 -13.82
C MET B 104 4.09 3.93 -14.07
N ASP B 105 3.87 3.60 -15.34
CA ASP B 105 3.57 2.22 -15.70
C ASP B 105 4.87 1.47 -15.93
N ILE B 106 5.10 0.42 -15.14
CA ILE B 106 6.31 -0.40 -15.19
C ILE B 106 5.90 -1.82 -15.58
N PRO B 107 6.67 -2.43 -16.48
CA PRO B 107 6.38 -3.80 -16.94
C PRO B 107 6.25 -4.77 -15.78
N GLY B 108 5.31 -5.71 -15.89
CA GLY B 108 5.09 -6.68 -14.85
C GLY B 108 4.55 -6.11 -13.56
N GLU B 109 4.32 -4.82 -13.50
CA GLU B 109 3.82 -4.17 -12.32
C GLU B 109 2.38 -3.73 -12.53
N PRO B 110 1.55 -3.76 -11.50
CA PRO B 110 0.16 -3.32 -11.66
C PRO B 110 0.11 -1.81 -11.89
N THR B 111 -0.91 -1.36 -12.62
CA THR B 111 -0.97 0.01 -13.12
C THR B 111 -2.26 0.70 -12.72
N TRP B 112 -2.18 2.03 -12.62
CA TRP B 112 -3.34 2.83 -12.28
C TRP B 112 -4.46 2.61 -13.30
N ASP B 113 -4.09 2.44 -14.58
CA ASP B 113 -5.10 2.21 -15.61
C ASP B 113 -5.77 0.86 -15.42
N GLU B 114 -5.00 -0.15 -15.02
CA GLU B 114 -5.56 -1.48 -14.82
C GLU B 114 -6.56 -1.47 -13.69
N TRP B 115 -6.22 -0.81 -12.58
CA TRP B 115 -7.13 -0.78 -11.44
C TRP B 115 -8.40 -0.01 -11.77
N PHE B 116 -8.26 1.19 -12.34
CA PHE B 116 -9.43 2.00 -12.68
C PHE B 116 -10.34 1.27 -13.65
N GLU B 117 -9.77 0.56 -14.62
CA GLU B 117 -10.60 -0.23 -15.53
C GLU B 117 -11.49 -1.19 -14.75
N SER B 118 -10.91 -1.93 -13.80
CA SER B 118 -11.75 -2.82 -12.99
C SER B 118 -12.68 -2.03 -12.08
N TYR B 119 -12.18 -0.95 -11.47
CA TYR B 119 -13.03 -0.21 -10.56
C TYR B 119 -14.16 0.51 -11.30
N ILE B 120 -13.87 1.01 -12.51
CA ILE B 120 -14.90 1.67 -13.32
C ILE B 120 -16.00 0.68 -13.70
N ASN B 121 -15.62 -0.50 -14.19
CA ASN B 121 -16.61 -1.49 -14.60
C ASN B 121 -17.48 -1.91 -13.43
N TYR B 122 -16.89 -2.02 -12.23
CA TYR B 122 -17.67 -2.24 -11.03
C TYR B 122 -18.62 -1.08 -10.78
N GLN B 123 -18.11 0.16 -10.84
CA GLN B 123 -18.97 1.31 -10.60
C GLN B 123 -20.11 1.38 -11.60
N LYS B 124 -19.83 1.17 -12.89
CA LYS B 124 -20.87 1.30 -13.91
C LYS B 124 -21.98 0.28 -13.70
N HIS B 125 -21.64 -0.92 -13.25
CA HIS B 125 -22.69 -1.91 -12.98
C HIS B 125 -23.66 -1.39 -11.93
N TYR B 126 -23.16 -0.76 -10.87
CA TYR B 126 -24.05 -0.33 -9.81
C TYR B 126 -24.70 1.00 -10.15
N ALA B 127 -24.04 1.82 -10.97
CA ALA B 127 -24.67 3.01 -11.50
C ALA B 127 -25.89 2.65 -12.32
N LYS B 128 -25.78 1.60 -13.15
CA LYS B 128 -26.93 1.12 -13.90
C LYS B 128 -28.07 0.75 -12.96
N ILE B 129 -27.73 0.07 -11.86
CA ILE B 129 -28.75 -0.28 -10.87
C ILE B 129 -29.27 0.95 -10.17
N ALA B 130 -28.40 1.95 -9.96
CA ALA B 130 -28.87 3.19 -9.35
C ALA B 130 -29.89 3.88 -10.24
N GLU B 131 -29.62 3.90 -11.54
CA GLU B 131 -30.55 4.46 -12.52
C GLU B 131 -31.88 3.70 -12.50
N LYS B 132 -31.84 2.38 -12.69
CA LYS B 132 -33.06 1.59 -12.79
C LYS B 132 -33.97 1.79 -11.57
N THR B 133 -33.39 1.93 -10.39
CA THR B 133 -34.19 2.04 -9.17
C THR B 133 -34.40 3.48 -8.74
N ASN B 134 -33.97 4.45 -9.55
CA ASN B 134 -34.15 5.87 -9.27
C ASN B 134 -33.52 6.28 -7.95
N CYS B 135 -32.31 5.77 -7.69
CA CYS B 135 -31.59 6.21 -6.50
C CYS B 135 -31.26 7.70 -6.60
N GLU B 136 -31.45 8.41 -5.48
CA GLU B 136 -31.32 9.86 -5.50
C GLU B 136 -29.88 10.30 -5.72
N MET B 137 -28.92 9.51 -5.25
CA MET B 137 -27.53 9.91 -5.29
C MET B 137 -26.67 8.66 -5.33
N PHE B 138 -25.50 8.81 -5.97
CA PHE B 138 -24.58 7.72 -6.21
C PHE B 138 -23.17 8.17 -5.81
N VAL B 139 -22.47 7.33 -5.01
CA VAL B 139 -21.17 7.65 -4.41
C VAL B 139 -20.10 6.82 -5.11
N VAL B 140 -19.30 7.49 -5.96
CA VAL B 140 -18.36 6.76 -6.82
C VAL B 140 -17.10 6.30 -6.10
N GLY B 141 -16.84 6.78 -4.89
CA GLY B 141 -15.67 6.33 -4.14
C GLY B 141 -15.74 6.79 -2.71
N CYS B 142 -15.02 6.08 -1.84
CA CYS B 142 -15.05 6.37 -0.40
C CYS B 142 -13.64 6.31 0.16
N GLU B 143 -13.17 7.45 0.67
CA GLU B 143 -11.86 7.65 1.33
C GLU B 143 -10.71 6.93 0.61
N MET B 144 -10.66 7.11 -0.71
CA MET B 144 -9.51 6.65 -1.50
C MET B 144 -8.40 7.70 -1.47
N VAL B 145 -7.97 8.01 -0.24
CA VAL B 145 -7.03 9.10 0.02
C VAL B 145 -5.85 9.08 -0.95
N GLN B 146 -5.17 7.93 -1.08
CA GLN B 146 -4.00 7.90 -1.95
C GLN B 146 -4.34 7.85 -3.44
N ALA B 147 -5.54 7.41 -3.80
CA ALA B 147 -5.94 7.42 -5.20
C ALA B 147 -6.36 8.80 -5.67
N GLU B 148 -6.65 9.71 -4.73
CA GLU B 148 -7.30 10.96 -5.09
C GLU B 148 -6.44 11.80 -6.03
N ARG B 149 -5.12 11.63 -5.96
CA ARG B 149 -4.23 12.43 -6.81
C ARG B 149 -4.44 12.15 -8.29
N ARG B 150 -4.93 10.96 -8.66
CA ARG B 150 -5.02 10.58 -10.07
C ARG B 150 -6.27 11.23 -10.66
N GLU B 151 -6.20 12.56 -10.75
CA GLU B 151 -7.41 13.35 -10.98
C GLU B 151 -8.05 13.01 -12.31
N ASP B 152 -7.22 12.80 -13.34
CA ASP B 152 -7.73 12.50 -14.67
C ASP B 152 -8.55 11.20 -14.67
N LYS B 153 -8.11 10.21 -13.89
CA LYS B 153 -8.81 8.94 -13.88
C LYS B 153 -10.13 9.06 -13.13
N TRP B 154 -10.18 9.88 -12.08
CA TRP B 154 -11.46 10.07 -11.40
C TRP B 154 -12.47 10.73 -12.33
N ARG B 155 -12.06 11.81 -13.01
CA ARG B 155 -12.94 12.45 -14.00
C ARG B 155 -13.38 11.46 -15.08
N GLU B 156 -12.48 10.57 -15.50
CA GLU B 156 -12.85 9.54 -16.47
C GLU B 156 -13.91 8.62 -15.89
N LEU B 157 -13.74 8.22 -14.64
CA LEU B 157 -14.73 7.37 -14.00
C LEU B 157 -16.06 8.10 -13.86
N ILE B 158 -16.02 9.36 -13.44
CA ILE B 158 -17.26 10.11 -13.26
C ILE B 158 -17.98 10.24 -14.58
N ALA B 159 -17.24 10.41 -15.68
CA ALA B 159 -17.88 10.45 -16.99
C ALA B 159 -18.54 9.13 -17.32
N GLU B 160 -17.89 8.02 -16.97
CA GLU B 160 -18.47 6.71 -17.26
C GLU B 160 -19.72 6.44 -16.41
N VAL B 161 -19.76 6.98 -15.20
CA VAL B 161 -20.95 6.83 -14.36
C VAL B 161 -22.08 7.72 -14.90
N ARG B 162 -21.76 8.96 -15.30
CA ARG B 162 -22.80 9.79 -15.88
C ARG B 162 -23.47 9.11 -17.07
N LYS B 163 -22.72 8.33 -17.86
CA LYS B 163 -23.31 7.66 -19.02
C LYS B 163 -24.36 6.63 -18.64
N ASP B 164 -24.37 6.17 -17.38
CA ASP B 164 -25.31 5.17 -16.94
C ASP B 164 -26.42 5.73 -16.07
N TYR B 165 -26.20 6.86 -15.43
CA TYR B 165 -27.00 7.31 -14.29
C TYR B 165 -27.18 8.82 -14.37
N ARG B 166 -28.43 9.28 -14.29
CA ARG B 166 -28.76 10.70 -14.45
C ARG B 166 -28.91 11.41 -13.12
N GLY B 167 -28.81 10.73 -11.99
CA GLY B 167 -28.98 11.34 -10.68
C GLY B 167 -27.72 12.03 -10.15
N LEU B 168 -27.76 12.35 -8.84
CA LEU B 168 -26.72 13.14 -8.18
C LEU B 168 -25.50 12.29 -7.87
N VAL B 169 -24.33 12.80 -8.23
CA VAL B 169 -23.09 12.05 -8.10
C VAL B 169 -22.16 12.78 -7.14
N THR B 170 -21.63 12.04 -6.17
CA THR B 170 -20.70 12.59 -5.20
C THR B 170 -19.50 11.65 -5.06
N TYR B 171 -18.44 12.20 -4.47
CA TYR B 171 -17.30 11.42 -4.02
C TYR B 171 -17.14 11.65 -2.53
N ASN B 172 -16.96 10.58 -1.79
CA ASN B 172 -16.84 10.59 -0.33
C ASN B 172 -15.35 10.57 0.00
N THR B 173 -14.82 11.70 0.50
CA THR B 173 -13.42 11.71 0.88
C THR B 173 -13.26 11.45 2.39
N ASP B 174 -12.02 11.46 2.87
CA ASP B 174 -11.75 11.13 4.25
C ASP B 174 -11.64 12.39 5.10
N LYS B 175 -11.78 12.19 6.41
CA LYS B 175 -11.54 13.22 7.39
C LYS B 175 -10.28 13.98 7.01
N TYR B 176 -10.35 15.32 7.06
CA TYR B 176 -9.26 16.26 6.79
C TYR B 176 -8.80 16.29 5.33
N GLN B 177 -9.42 15.53 4.42
CA GLN B 177 -8.96 15.45 3.04
C GLN B 177 -9.86 16.20 2.06
N GLU B 178 -10.78 17.02 2.57
CA GLU B 178 -11.77 17.67 1.70
C GLU B 178 -11.11 18.52 0.61
N ASP B 179 -9.97 19.12 0.89
CA ASP B 179 -9.24 19.87 -0.11
C ASP B 179 -8.30 19.01 -0.93
N ASN B 180 -8.12 17.73 -0.55
CA ASN B 180 -7.22 16.84 -1.26
C ASN B 180 -7.74 16.47 -2.64
N VAL B 181 -9.07 16.51 -2.83
CA VAL B 181 -9.71 16.25 -4.11
C VAL B 181 -9.67 17.52 -4.96
N LYS B 182 -9.29 17.35 -6.23
CA LYS B 182 -9.27 18.43 -7.22
C LYS B 182 -10.28 18.22 -8.35
N PHE B 183 -11.20 17.26 -8.21
CA PHE B 183 -12.21 17.05 -9.25
C PHE B 183 -13.61 17.32 -8.71
N TRP B 184 -13.75 18.19 -7.70
CA TRP B 184 -15.06 18.45 -7.13
C TRP B 184 -16.00 19.06 -8.16
N ASP B 185 -15.47 19.89 -9.07
CA ASP B 185 -16.28 20.53 -10.10
C ASP B 185 -17.04 19.52 -10.94
N ALA B 186 -16.44 18.34 -11.17
CA ALA B 186 -17.03 17.27 -11.98
C ALA B 186 -18.13 16.50 -11.25
N LEU B 187 -18.37 16.77 -9.98
CA LEU B 187 -19.43 16.15 -9.20
C LEU B 187 -20.56 17.14 -8.94
N ASP B 188 -21.65 16.62 -8.39
CA ASP B 188 -22.76 17.48 -8.01
C ASP B 188 -22.79 17.79 -6.53
N VAL B 189 -22.23 16.92 -5.69
CA VAL B 189 -22.28 17.11 -4.24
C VAL B 189 -20.90 16.78 -3.67
N ILE B 190 -20.45 17.60 -2.72
CA ILE B 190 -19.21 17.37 -2.00
C ILE B 190 -19.54 16.68 -0.69
N SER B 191 -18.75 15.68 -0.31
CA SER B 191 -19.03 14.95 0.91
C SER B 191 -17.73 14.38 1.48
N SER B 192 -17.71 14.18 2.79
CA SER B 192 -16.58 13.54 3.43
C SER B 192 -17.07 12.76 4.63
N SER B 193 -16.18 11.90 5.14
CA SER B 193 -16.39 11.19 6.38
C SER B 193 -16.02 12.11 7.54
N GLY B 194 -17.02 12.78 8.12
CA GLY B 194 -16.75 13.77 9.16
C GLY B 194 -16.42 13.25 10.56
N TYR B 195 -15.59 12.24 10.67
CA TYR B 195 -15.22 11.73 11.99
C TYR B 195 -14.38 12.75 12.76
N TYR B 196 -15.00 13.84 13.25
CA TYR B 196 -14.06 14.75 13.90
C TYR B 196 -14.16 14.67 15.41
N PRO B 197 -13.07 14.97 16.11
CA PRO B 197 -13.09 14.92 17.58
C PRO B 197 -14.13 15.85 18.16
N ILE B 198 -14.80 15.37 19.21
CA ILE B 198 -15.84 16.12 19.93
C ILE B 198 -15.37 17.50 20.40
N ASN B 199 -14.05 17.71 20.57
CA ASN B 199 -13.54 18.99 21.04
C ASN B 199 -12.81 19.78 19.95
N ASP B 200 -13.10 19.53 18.67
CA ASP B 200 -12.39 20.26 17.62
C ASP B 200 -13.29 20.63 16.45
N TRP B 201 -14.61 20.66 16.64
CA TRP B 201 -15.50 20.95 15.52
C TRP B 201 -15.27 22.35 14.98
N ASP B 202 -14.94 23.31 15.86
CA ASP B 202 -14.79 24.69 15.40
C ASP B 202 -13.63 24.82 14.41
N ARG B 203 -12.45 24.33 14.78
CA ARG B 203 -11.32 24.45 13.87
C ARG B 203 -11.61 23.72 12.56
N GLN B 204 -12.28 22.58 12.64
CA GLN B 204 -12.45 21.73 11.46
C GLN B 204 -13.57 22.23 10.54
N LEU B 205 -14.71 22.64 11.09
CA LEU B 205 -15.77 23.19 10.24
C LEU B 205 -15.31 24.46 9.55
N ASP B 206 -14.57 25.31 10.26
CA ASP B 206 -14.02 26.49 9.62
C ASP B 206 -13.10 26.11 8.47
N ARG B 207 -12.25 25.10 8.65
CA ARG B 207 -11.35 24.72 7.57
C ARG B 207 -12.13 24.22 6.37
N ILE B 208 -13.16 23.41 6.62
CA ILE B 208 -13.96 22.84 5.53
C ILE B 208 -14.76 23.93 4.83
N GLU B 209 -15.19 24.94 5.58
CA GLU B 209 -15.98 26.01 4.98
C GLU B 209 -15.18 26.73 3.91
N ALA B 210 -13.95 27.11 4.22
CA ALA B 210 -13.10 27.72 3.19
C ALA B 210 -12.99 26.82 1.98
N VAL B 211 -12.98 25.50 2.20
CA VAL B 211 -12.90 24.59 1.07
C VAL B 211 -14.18 24.62 0.25
N VAL B 212 -15.33 24.42 0.92
CA VAL B 212 -16.59 24.31 0.20
C VAL B 212 -16.91 25.62 -0.52
N LYS B 213 -16.65 26.76 0.11
CA LYS B 213 -16.85 28.07 -0.53
C LYS B 213 -16.07 28.22 -1.83
N GLN B 214 -15.17 27.30 -2.14
CA GLN B 214 -14.39 27.35 -3.36
C GLN B 214 -15.09 26.66 -4.51
N TYR B 215 -16.31 26.18 -4.31
CA TYR B 215 -16.94 25.37 -5.32
C TYR B 215 -18.43 25.69 -5.38
N ASP B 216 -19.04 25.08 -6.38
CA ASP B 216 -20.37 25.32 -6.89
C ASP B 216 -21.42 24.47 -6.18
N LYS B 217 -21.05 23.80 -5.09
CA LYS B 217 -21.72 22.55 -4.75
C LYS B 217 -22.21 22.51 -3.31
N PRO B 218 -23.30 21.77 -3.08
CA PRO B 218 -23.68 21.45 -1.70
C PRO B 218 -22.73 20.43 -1.09
N PHE B 219 -22.79 20.33 0.23
CA PHE B 219 -21.87 19.51 1.01
C PHE B 219 -22.62 18.77 2.10
N PHE B 220 -22.26 17.50 2.35
CA PHE B 220 -22.73 16.83 3.57
C PHE B 220 -21.72 15.80 4.05
N PHE B 221 -21.95 15.32 5.27
CA PHE B 221 -21.05 14.38 5.92
C PHE B 221 -21.62 13.00 5.66
N VAL B 222 -21.28 12.44 4.51
CA VAL B 222 -21.85 11.18 4.06
C VAL B 222 -21.45 10.02 4.97
N GLU B 223 -20.41 10.20 5.79
CA GLU B 223 -20.14 9.32 6.92
C GLU B 223 -19.99 10.21 8.14
N ALA B 224 -20.63 9.82 9.24
CA ALA B 224 -20.44 10.46 10.54
C ALA B 224 -21.02 9.53 11.57
N GLY B 225 -20.36 9.42 12.70
CA GLY B 225 -20.81 8.48 13.71
C GLY B 225 -19.76 8.32 14.79
N CYS B 226 -20.09 7.47 15.73
CA CYS B 226 -19.24 7.34 16.91
C CYS B 226 -19.65 6.13 17.72
N PRO B 227 -18.72 5.24 18.04
CA PRO B 227 -19.04 4.06 18.84
C PRO B 227 -19.35 4.44 20.28
N SER B 228 -20.05 3.54 20.98
CA SER B 228 -20.36 3.73 22.40
C SER B 228 -19.22 3.15 23.24
N ARG B 229 -18.04 3.76 23.10
CA ARG B 229 -16.86 3.41 23.87
C ARG B 229 -16.26 4.66 24.50
N SER B 230 -15.77 4.51 25.73
CA SER B 230 -15.00 5.56 26.37
C SER B 230 -13.77 5.89 25.53
N GLY B 231 -13.61 7.17 25.19
CA GLY B 231 -12.52 7.62 24.34
C GLY B 231 -12.85 7.70 22.86
N SER B 232 -13.98 7.14 22.42
CA SER B 232 -14.30 7.18 20.99
C SER B 232 -14.61 8.60 20.49
N ALA B 233 -15.18 9.46 21.33
CA ALA B 233 -15.55 10.80 20.87
C ALA B 233 -14.34 11.63 20.46
N LEU B 234 -13.14 11.20 20.83
CA LEU B 234 -11.97 11.92 20.38
C LEU B 234 -11.39 11.33 19.11
N LEU B 235 -11.65 10.06 18.84
CA LEU B 235 -11.25 9.41 17.58
C LEU B 235 -12.41 8.54 17.10
N PRO B 236 -13.49 9.15 16.64
CA PRO B 236 -14.70 8.38 16.33
C PRO B 236 -14.57 7.45 15.14
N ASN B 237 -13.62 7.70 14.24
CA ASN B 237 -13.42 6.82 13.09
C ASN B 237 -12.77 5.49 13.46
N LYS B 238 -12.08 5.41 14.59
CA LYS B 238 -11.27 4.22 14.90
C LYS B 238 -12.18 3.12 15.43
N TRP B 239 -12.72 2.32 14.50
CA TRP B 239 -13.67 1.27 14.85
C TRP B 239 -13.07 0.23 15.78
N ASP B 240 -11.74 0.11 15.80
CA ASP B 240 -11.04 -0.84 16.63
C ASP B 240 -10.57 -0.22 17.95
N LEU B 241 -11.10 0.93 18.35
CA LEU B 241 -10.58 1.61 19.53
C LEU B 241 -10.84 0.79 20.79
N GLU B 242 -9.88 0.85 21.70
CA GLU B 242 -9.87 0.06 22.93
C GLU B 242 -10.41 0.94 24.04
N GLY B 243 -11.62 0.65 24.49
CA GLY B 243 -12.24 1.42 25.56
C GLY B 243 -13.43 0.69 26.15
N ALA B 244 -13.77 1.07 27.38
CA ALA B 244 -14.94 0.51 28.05
C ALA B 244 -16.20 0.89 27.29
N ILE B 245 -17.24 0.08 27.47
CA ILE B 245 -18.54 0.40 26.87
C ILE B 245 -19.04 1.68 27.51
N ASN B 246 -19.54 2.59 26.68
CA ASN B 246 -19.90 3.91 27.19
C ASN B 246 -21.01 4.46 26.29
N LEU B 247 -22.25 4.15 26.66
CA LEU B 247 -23.38 4.68 25.93
C LEU B 247 -23.39 6.20 25.98
N GLN B 248 -23.02 6.76 27.12
CA GLN B 248 -23.10 8.21 27.27
C GLN B 248 -22.14 8.92 26.33
N GLU B 249 -20.94 8.36 26.11
CA GLU B 249 -20.02 8.98 25.16
C GLU B 249 -20.66 9.13 23.79
N GLN B 250 -21.32 8.08 23.31
CA GLN B 250 -21.95 8.12 21.99
C GLN B 250 -23.03 9.20 21.94
N ALA B 251 -23.89 9.26 22.96
CA ALA B 251 -24.87 10.34 23.06
C ALA B 251 -24.19 11.71 23.02
N ASP B 252 -23.23 11.96 23.91
CA ASP B 252 -22.52 13.25 23.94
C ASP B 252 -22.01 13.65 22.56
N TYR B 253 -21.45 12.69 21.82
CA TYR B 253 -20.81 13.03 20.54
C TYR B 253 -21.84 13.53 19.55
N TYR B 254 -22.95 12.80 19.40
CA TYR B 254 -24.02 13.25 18.52
C TYR B 254 -24.57 14.59 18.98
N GLN B 255 -24.84 14.73 20.28
CA GLN B 255 -25.28 16.01 20.80
C GLN B 255 -24.32 17.13 20.43
N VAL B 256 -23.01 16.94 20.64
CA VAL B 256 -22.09 18.03 20.34
C VAL B 256 -21.99 18.25 18.83
N MET B 257 -21.99 17.15 18.05
CA MET B 257 -21.87 17.28 16.61
C MET B 257 -23.07 18.00 16.01
N PHE B 258 -24.26 17.76 16.56
CA PHE B 258 -25.45 18.42 16.06
C PHE B 258 -25.45 19.90 16.43
N GLU B 259 -25.13 20.24 17.69
CA GLU B 259 -24.98 21.64 18.09
C GLU B 259 -24.01 22.38 17.17
N LYS B 260 -22.85 21.77 16.89
CA LYS B 260 -21.78 22.49 16.20
C LYS B 260 -22.11 22.68 14.72
N THR B 261 -22.67 21.65 14.07
CA THR B 261 -22.98 21.77 12.64
C THR B 261 -24.29 22.50 12.37
N ALA B 262 -25.20 22.56 13.35
CA ALA B 262 -26.45 23.26 13.12
C ALA B 262 -26.20 24.71 12.74
N SER B 263 -25.19 25.34 13.33
CA SER B 263 -24.87 26.73 13.00
C SER B 263 -24.35 26.89 11.58
N ARG B 264 -24.03 25.80 10.90
CA ARG B 264 -23.37 25.82 9.61
C ARG B 264 -24.41 25.49 8.55
N SER B 265 -24.85 26.50 7.80
CA SER B 265 -25.88 26.24 6.78
C SER B 265 -25.36 25.30 5.70
N TRP B 266 -24.06 25.39 5.36
CA TRP B 266 -23.49 24.59 4.30
C TRP B 266 -23.33 23.11 4.65
N VAL B 267 -23.44 22.73 5.93
CA VAL B 267 -23.44 21.32 6.31
C VAL B 267 -24.81 20.75 5.95
N GLY B 268 -24.90 20.09 4.81
CA GLY B 268 -26.15 19.68 4.24
C GLY B 268 -26.74 18.37 4.71
N GLY B 269 -26.12 17.67 5.66
CA GLY B 269 -26.74 16.47 6.18
C GLY B 269 -25.70 15.48 6.62
N PHE B 270 -26.17 14.25 6.83
CA PHE B 270 -25.37 13.17 7.39
C PHE B 270 -25.76 11.88 6.72
N GLY B 271 -24.80 10.96 6.67
CA GLY B 271 -25.06 9.56 6.41
C GLY B 271 -24.52 8.82 7.61
N LEU B 272 -25.28 8.83 8.70
CA LEU B 272 -24.76 8.40 10.00
C LEU B 272 -24.27 6.96 9.94
N TRP B 273 -23.16 6.70 10.62
CA TRP B 273 -22.46 5.44 10.38
C TRP B 273 -22.98 4.34 11.30
N ASP B 274 -22.92 3.13 10.75
CA ASP B 274 -24.08 2.32 10.40
C ASP B 274 -25.17 1.87 11.36
N TRP B 275 -26.29 1.59 10.70
CA TRP B 275 -27.38 0.77 11.20
C TRP B 275 -27.29 -0.58 10.48
N GLN B 276 -27.01 -1.64 11.22
CA GLN B 276 -26.63 -2.86 10.56
C GLN B 276 -27.86 -3.65 10.08
N THR B 277 -27.64 -4.46 9.05
CA THR B 277 -28.74 -5.20 8.43
C THR B 277 -29.31 -6.21 9.40
N TYR B 278 -28.46 -7.00 10.05
CA TYR B 278 -28.86 -7.96 11.06
C TYR B 278 -28.65 -7.32 12.42
N LEU B 279 -29.67 -6.57 12.86
CA LEU B 279 -29.58 -5.73 14.05
C LEU B 279 -29.48 -6.56 15.31
N TYR B 280 -28.73 -6.07 16.30
CA TYR B 280 -28.64 -6.76 17.57
C TYR B 280 -29.99 -6.71 18.29
N ASP B 281 -30.12 -7.53 19.33
CA ASP B 281 -31.32 -7.51 20.17
C ASP B 281 -31.37 -6.22 20.99
N GLU B 282 -32.51 -5.53 20.98
CA GLU B 282 -32.59 -4.27 21.71
C GLU B 282 -32.27 -4.45 23.19
N LYS B 283 -32.57 -5.63 23.74
CA LYS B 283 -32.25 -5.89 25.15
C LYS B 283 -30.74 -5.92 25.40
N ASP B 284 -29.93 -6.09 24.37
CA ASP B 284 -28.48 -6.06 24.51
C ASP B 284 -27.89 -4.67 24.27
N ALA B 285 -28.72 -3.67 23.98
CA ALA B 285 -28.19 -2.37 23.58
C ALA B 285 -27.26 -1.81 24.65
N THR B 286 -27.67 -1.89 25.90
CA THR B 286 -26.92 -1.26 26.99
C THR B 286 -25.56 -1.89 27.19
N LYS B 287 -25.24 -2.98 26.52
CA LYS B 287 -23.89 -3.51 26.54
C LYS B 287 -23.24 -3.61 25.17
N ASN B 288 -23.84 -3.01 24.14
CA ASN B 288 -23.25 -2.93 22.81
C ASN B 288 -22.35 -1.69 22.68
N ASP B 289 -21.15 -1.88 22.11
CA ASP B 289 -20.18 -0.79 21.98
C ASP B 289 -19.80 -0.50 20.53
N ASP B 290 -20.66 -0.86 19.58
CA ASP B 290 -20.38 -0.59 18.18
C ASP B 290 -20.93 0.78 17.78
N TYR B 291 -20.81 1.11 16.49
CA TYR B 291 -21.33 2.37 15.97
C TYR B 291 -22.85 2.43 16.07
N GLY B 292 -23.52 1.28 16.00
CA GLY B 292 -24.97 1.21 16.05
C GLY B 292 -25.62 2.01 17.16
N VAL B 293 -26.83 2.48 16.88
CA VAL B 293 -27.53 3.43 17.74
C VAL B 293 -28.85 2.87 18.26
N PHE B 294 -29.29 1.74 17.73
CA PHE B 294 -30.52 1.06 18.15
C PHE B 294 -30.55 0.82 19.65
N GLY B 295 -31.50 1.44 20.34
CA GLY B 295 -31.71 1.19 21.76
C GLY B 295 -30.85 2.00 22.69
N LYS B 296 -29.85 2.72 22.18
CA LYS B 296 -28.94 3.49 23.02
C LYS B 296 -29.39 4.94 23.11
N PRO B 297 -28.91 5.68 24.10
CA PRO B 297 -29.35 7.08 24.26
C PRO B 297 -29.22 7.91 23.00
N ALA B 298 -28.18 7.67 22.19
CA ALA B 298 -27.99 8.48 21.00
C ALA B 298 -29.10 8.30 19.98
N GLU B 299 -29.89 7.23 20.11
CA GLU B 299 -31.08 7.08 19.27
C GLU B 299 -32.01 8.26 19.41
N ARG B 300 -32.38 8.62 20.65
CA ARG B 300 -33.30 9.74 20.86
C ARG B 300 -32.67 11.04 20.39
N VAL B 301 -31.39 11.25 20.71
CA VAL B 301 -30.70 12.46 20.27
C VAL B 301 -30.81 12.62 18.76
N ILE B 302 -30.62 11.52 18.00
CA ILE B 302 -30.66 11.65 16.55
C ILE B 302 -32.08 11.88 16.06
N LYS B 303 -33.04 11.11 16.58
CA LYS B 303 -34.43 11.37 16.22
C LYS B 303 -34.81 12.80 16.58
N ALA B 304 -34.46 13.23 17.80
CA ALA B 304 -34.77 14.61 18.22
C ALA B 304 -34.24 15.63 17.23
N TYR B 305 -33.00 15.47 16.78
CA TYR B 305 -32.44 16.45 15.86
C TYR B 305 -33.03 16.30 14.46
N TYR B 306 -33.25 15.07 14.01
CA TYR B 306 -33.78 14.88 12.66
C TYR B 306 -35.22 15.38 12.55
N GLN B 307 -35.99 15.39 13.65
CA GLN B 307 -37.34 15.93 13.58
C GLN B 307 -37.36 17.44 13.39
N SER B 308 -36.29 18.13 13.77
CA SER B 308 -36.16 19.56 13.50
C SER B 308 -35.76 19.79 12.04
N ARG B 309 -36.44 20.73 11.38
CA ARG B 309 -36.17 21.10 9.98
C ARG B 309 -36.09 19.88 9.05
#